data_3HVF
#
_entry.id   3HVF
#
_cell.length_a   45.223
_cell.length_b   106.938
_cell.length_c   47.827
_cell.angle_alpha   90.000
_cell.angle_beta   101.760
_cell.angle_gamma   90.000
#
_symmetry.space_group_name_H-M   'P 1 21 1'
#
loop_
_entity.id
_entity.type
_entity.pdbx_description
1 polymer 'CTX-M-9 extended-spectrum beta-lactamase'
2 non-polymer '(2R,4S)-2-{(R)-carboxy[(phenylacetyl)amino]methyl}-5,5-dimethyl-1,3-thiazolidine-4-carboxylic acid'
3 water water
#
_entity_poly.entity_id   1
_entity_poly.type   'polypeptide(L)'
_entity_poly.pdbx_seq_one_letter_code
;QTSAVQQKLAALEKSSGGRLGVALIDTADNTQVLYRGDERFPMCGTSKVMAAAAVLKQSETQKQLLNQPVEIKPADLVNY
NPIAEKHVNGTMTLAELSAAALQYSDNTAMNKLIAQLGGPGGVTAFARAIGDETFRLDRTEPTLNTAIPGDPRDTTTPRA
MAQTLRQLTLGHALGETQRAQLVTWLKGNTTGAASIRAGLPTSWTAGDKTGSGDYGTTNDIAVIWPQGRAPLVLVTYFTQ
PQQNAESRRDVLASAARIIAEGL
;
_entity_poly.pdbx_strand_id   A,B
#
loop_
_chem_comp.id
_chem_comp.type
_chem_comp.name
_chem_comp.formula
PNK non-polymer '(2R,4S)-2-{(R)-carboxy[(phenylacetyl)amino]methyl}-5,5-dimethyl-1,3-thiazolidine-4-carboxylic acid' 'C16 H20 N2 O5 S'
#
# COMPACT_ATOMS: atom_id res chain seq x y z
N GLN A 1 4.30 0.40 5.01
CA GLN A 1 4.36 -0.36 3.72
C GLN A 1 4.09 0.56 2.52
N THR A 2 4.52 0.12 1.35
CA THR A 2 4.29 0.88 0.14
C THR A 2 3.49 0.00 -0.82
N SER A 3 2.34 0.50 -1.23
CA SER A 3 1.45 -0.24 -2.11
C SER A 3 1.79 0.01 -3.56
N ALA A 4 1.17 -0.75 -4.46
CA ALA A 4 1.38 -0.58 -5.89
C ALA A 4 0.92 0.80 -6.33
N VAL A 5 -0.21 1.25 -5.79
CA VAL A 5 -0.73 2.57 -6.11
C VAL A 5 0.23 3.66 -5.59
N GLN A 6 0.77 3.48 -4.38
CA GLN A 6 1.71 4.46 -3.84
C GLN A 6 2.99 4.48 -4.70
N GLN A 7 3.42 3.33 -5.19
CA GLN A 7 4.59 3.27 -6.06
C GLN A 7 4.36 4.03 -7.38
N LYS A 8 3.15 3.88 -7.94
CA LYS A 8 2.83 4.59 -9.18
C LYS A 8 2.77 6.11 -8.96
N LEU A 9 2.21 6.51 -7.82
CA LEU A 9 2.13 7.92 -7.48
C LEU A 9 3.53 8.50 -7.28
N ALA A 10 4.42 7.70 -6.69
CA ALA A 10 5.82 8.16 -6.50
C ALA A 10 6.52 8.34 -7.86
N ALA A 11 6.22 7.45 -8.81
CA ALA A 11 6.80 7.55 -10.17
C ALA A 11 6.26 8.79 -10.87
N LEU A 12 4.96 9.03 -10.72
CA LEU A 12 4.36 10.21 -11.31
C LEU A 12 5.01 11.47 -10.73
N GLU A 13 5.13 11.50 -9.41
CA GLU A 13 5.73 12.64 -8.76
C GLU A 13 7.15 12.86 -9.25
N LYS A 14 7.91 11.78 -9.35
CA LYS A 14 9.29 11.90 -9.79
C LYS A 14 9.39 12.55 -11.18
N SER A 15 8.53 12.15 -12.11
CA SER A 15 8.59 12.70 -13.45
C SER A 15 8.04 14.13 -13.52
N SER A 16 7.27 14.52 -12.51
CA SER A 16 6.62 15.85 -12.50
C SER A 16 7.57 16.95 -12.07
N GLY A 17 8.57 16.58 -11.29
CA GLY A 17 9.54 17.54 -10.75
C GLY A 17 9.05 18.27 -9.50
N GLY A 18 7.78 18.06 -9.13
CA GLY A 18 7.23 18.76 -7.96
C GLY A 18 6.94 17.85 -6.76
N ARG A 19 6.01 18.28 -5.91
CA ARG A 19 5.63 17.52 -4.72
C ARG A 19 4.15 17.28 -4.77
N LEU A 20 3.78 16.00 -4.70
CA LEU A 20 2.40 15.57 -4.84
C LEU A 20 1.85 15.01 -3.53
N GLY A 21 0.61 15.36 -3.22
CA GLY A 21 -0.07 14.86 -2.02
C GLY A 21 -1.43 14.32 -2.40
N VAL A 22 -1.72 13.11 -1.99
CA VAL A 22 -2.99 12.49 -2.35
C VAL A 22 -3.63 11.84 -1.14
N ALA A 23 -4.96 11.94 -1.06
CA ALA A 23 -5.72 11.24 -0.03
C ALA A 23 -7.05 10.79 -0.59
N LEU A 24 -7.27 9.48 -0.57
CA LEU A 24 -8.52 8.89 -1.00
C LEU A 24 -9.20 8.24 0.17
N ILE A 25 -10.51 8.42 0.26
CA ILE A 25 -11.34 7.65 1.18
C ILE A 25 -12.36 6.93 0.30
N ASP A 26 -12.43 5.61 0.41
CA ASP A 26 -13.43 4.82 -0.31
C ASP A 26 -14.54 4.52 0.68
N THR A 27 -15.70 5.15 0.52
CA THR A 27 -16.78 4.94 1.51
C THR A 27 -17.44 3.54 1.38
N ALA A 28 -16.94 2.72 0.45
CA ALA A 28 -17.43 1.31 0.28
C ALA A 28 -16.97 0.48 1.46
N ASP A 29 -15.83 0.85 2.02
CA ASP A 29 -15.25 0.10 3.15
C ASP A 29 -14.51 1.01 4.14
N ASN A 30 -14.52 2.32 3.87
CA ASN A 30 -13.83 3.33 4.70
C ASN A 30 -12.31 3.25 4.65
N THR A 31 -11.79 2.51 3.67
CA THR A 31 -10.35 2.39 3.51
C THR A 31 -9.76 3.65 2.90
N GLN A 32 -8.49 3.84 3.11
CA GLN A 32 -7.82 5.03 2.65
C GLN A 32 -6.55 4.72 1.95
N VAL A 33 -6.20 5.57 0.99
CA VAL A 33 -4.94 5.48 0.28
C VAL A 33 -4.34 6.87 0.36
N LEU A 34 -3.13 6.96 0.88
CA LEU A 34 -2.48 8.25 1.03
C LEU A 34 -1.10 8.28 0.44
N TYR A 35 -0.72 9.45 -0.05
CA TYR A 35 0.62 9.67 -0.56
C TYR A 35 1.01 11.05 -0.04
N ARG A 36 2.05 11.09 0.81
CA ARG A 36 2.42 12.33 1.52
C ARG A 36 1.17 12.86 2.22
N GLY A 37 0.38 11.94 2.77
CA GLY A 37 -0.90 12.28 3.38
C GLY A 37 -0.85 13.19 4.57
N ASP A 38 0.28 13.21 5.27
CA ASP A 38 0.44 14.04 6.46
C ASP A 38 1.38 15.22 6.27
N GLU A 39 1.75 15.50 5.02
CA GLU A 39 2.57 16.68 4.72
C GLU A 39 1.63 17.84 4.42
N ARG A 40 2.07 19.05 4.76
CA ARG A 40 1.27 20.24 4.52
C ARG A 40 1.44 20.77 3.10
N PHE A 41 0.34 21.26 2.53
CA PHE A 41 0.34 21.87 1.21
C PHE A 41 -0.50 23.13 1.28
N PRO A 42 -0.18 24.13 0.44
CA PRO A 42 -1.01 25.35 0.38
C PRO A 42 -2.35 24.99 -0.24
N MET A 43 -3.45 25.38 0.40
CA MET A 43 -4.79 25.01 -0.10
C MET A 43 -5.22 25.80 -1.32
N CYS A 44 -4.83 27.08 -1.36
CA CYS A 44 -5.30 28.01 -2.36
C CYS A 44 -6.85 27.93 -2.39
N GLY A 45 -7.45 27.97 -3.57
CA GLY A 45 -8.91 27.98 -3.70
C GLY A 45 -9.67 26.81 -3.09
N THR A 46 -9.00 25.71 -2.79
CA THR A 46 -9.75 24.58 -2.17
C THR A 46 -10.25 24.98 -0.77
N SER A 47 -9.66 26.02 -0.18
CA SER A 47 -10.13 26.52 1.13
C SER A 47 -11.54 27.14 1.03
N LYS A 48 -11.98 27.45 -0.19
CA LYS A 48 -13.30 28.06 -0.38
CA LYS A 48 -13.31 28.05 -0.37
C LYS A 48 -14.42 27.12 0.06
N VAL A 49 -14.16 25.81 0.02
CA VAL A 49 -15.17 24.85 0.47
C VAL A 49 -15.41 25.01 1.97
N MET A 50 -14.34 25.20 2.75
CA MET A 50 -14.50 25.36 4.21
C MET A 50 -15.25 26.66 4.52
N ALA A 51 -14.95 27.74 3.79
CA ALA A 51 -15.61 29.02 4.03
C ALA A 51 -17.10 28.93 3.70
N ALA A 52 -17.43 28.36 2.55
CA ALA A 52 -18.86 28.23 2.18
C ALA A 52 -19.58 27.35 3.17
N ALA A 53 -18.93 26.25 3.57
CA ALA A 53 -19.56 25.33 4.53
C ALA A 53 -19.80 26.02 5.90
N ALA A 54 -18.88 26.90 6.30
CA ALA A 54 -19.02 27.60 7.59
C ALA A 54 -20.25 28.51 7.55
N VAL A 55 -20.45 29.18 6.42
CA VAL A 55 -21.63 30.03 6.24
C VAL A 55 -22.90 29.18 6.20
N LEU A 56 -22.83 28.02 5.55
CA LEU A 56 -23.98 27.10 5.55
C LEU A 56 -24.32 26.70 7.00
N LYS A 57 -23.30 26.45 7.81
CA LYS A 57 -23.53 26.08 9.21
C LYS A 57 -24.25 27.21 9.93
N GLN A 58 -23.81 28.46 9.69
CA GLN A 58 -24.46 29.61 10.33
C GLN A 58 -25.91 29.71 9.92
N SER A 59 -26.18 29.36 8.65
CA SER A 59 -27.53 29.45 8.10
C SER A 59 -28.49 28.48 8.73
N GLU A 60 -27.96 27.47 9.43
CA GLU A 60 -28.85 26.48 10.06
C GLU A 60 -29.70 27.12 11.13
N THR A 61 -29.18 28.15 11.78
CA THR A 61 -29.94 28.83 12.83
C THR A 61 -30.46 30.22 12.39
N GLN A 62 -30.26 30.54 11.12
CA GLN A 62 -30.74 31.81 10.54
C GLN A 62 -31.28 31.52 9.16
N LYS A 63 -32.57 31.25 9.09
CA LYS A 63 -33.23 30.86 7.85
C LYS A 63 -33.03 31.83 6.69
N GLN A 64 -32.83 33.10 7.00
CA GLN A 64 -32.69 34.12 5.95
C GLN A 64 -31.26 34.57 5.67
N LEU A 65 -30.29 33.96 6.35
CA LEU A 65 -28.90 34.37 6.19
C LEU A 65 -28.46 34.34 4.73
N LEU A 66 -28.76 33.24 4.03
CA LEU A 66 -28.31 33.12 2.65
C LEU A 66 -28.92 34.19 1.73
N ASN A 67 -29.99 34.84 2.17
CA ASN A 67 -30.61 35.89 1.37
C ASN A 67 -30.14 37.27 1.75
N GLN A 68 -29.23 37.34 2.73
CA GLN A 68 -28.72 38.64 3.21
C GLN A 68 -27.84 39.29 2.18
N PRO A 69 -28.10 40.57 1.90
CA PRO A 69 -27.28 41.28 0.92
C PRO A 69 -25.95 41.74 1.51
N VAL A 70 -24.91 41.70 0.68
CA VAL A 70 -23.59 42.16 1.06
C VAL A 70 -23.16 43.16 -0.02
N GLU A 71 -22.72 44.33 0.39
CA GLU A 71 -22.29 45.37 -0.55
C GLU A 71 -20.97 45.03 -1.19
N ILE A 72 -20.89 45.25 -2.51
CA ILE A 72 -19.67 45.06 -3.25
C ILE A 72 -19.22 46.43 -3.73
N LYS A 73 -18.09 46.89 -3.25
CA LYS A 73 -17.56 48.20 -3.62
C LYS A 73 -16.39 48.05 -4.58
N PRO A 74 -16.11 49.09 -5.37
CA PRO A 74 -14.98 48.99 -6.30
C PRO A 74 -13.68 48.57 -5.59
N ALA A 75 -13.44 49.06 -4.37
CA ALA A 75 -12.23 48.72 -3.64
C ALA A 75 -12.16 47.24 -3.23
N ASP A 76 -13.30 46.56 -3.25
CA ASP A 76 -13.33 45.15 -2.85
C ASP A 76 -12.76 44.23 -3.92
N LEU A 77 -12.77 44.66 -5.17
CA LEU A 77 -12.30 43.79 -6.23
C LEU A 77 -10.84 43.45 -6.03
N VAL A 78 -10.51 42.17 -6.25
CA VAL A 78 -9.14 41.72 -6.15
C VAL A 78 -8.63 41.19 -7.53
N ASN A 79 -7.90 40.07 -7.54
CA ASN A 79 -7.26 39.59 -8.77
C ASN A 79 -8.11 38.73 -9.73
N TYR A 80 -9.25 38.24 -9.26
CA TYR A 80 -10.08 37.37 -10.06
C TYR A 80 -11.49 37.44 -9.53
N ASN A 81 -12.34 38.18 -10.24
CA ASN A 81 -13.68 38.49 -9.78
C ASN A 81 -14.71 38.40 -10.89
N PRO A 82 -14.80 37.27 -11.58
CA PRO A 82 -15.70 37.15 -12.74
C PRO A 82 -17.17 37.43 -12.42
N ILE A 83 -17.62 37.15 -11.21
CA ILE A 83 -19.00 37.39 -10.84
C ILE A 83 -19.15 38.72 -10.10
N ALA A 84 -18.29 38.93 -9.09
CA ALA A 84 -18.38 40.15 -8.29
C ALA A 84 -18.28 41.44 -9.12
N GLU A 85 -17.46 41.43 -10.17
CA GLU A 85 -17.30 42.66 -10.98
C GLU A 85 -18.62 43.15 -11.56
N LYS A 86 -19.55 42.22 -11.81
CA LYS A 86 -20.88 42.59 -12.36
C LYS A 86 -21.76 43.29 -11.33
N HIS A 87 -21.39 43.19 -10.05
CA HIS A 87 -22.20 43.73 -8.96
C HIS A 87 -21.58 44.87 -8.18
N VAL A 88 -20.51 45.44 -8.71
CA VAL A 88 -19.87 46.56 -8.05
C VAL A 88 -20.88 47.71 -7.90
N ASN A 89 -20.84 48.36 -6.74
CA ASN A 89 -21.80 49.40 -6.36
C ASN A 89 -23.20 48.86 -6.18
N GLY A 90 -23.30 47.53 -6.07
CA GLY A 90 -24.57 46.86 -5.82
C GLY A 90 -24.35 45.89 -4.67
N THR A 91 -25.15 44.81 -4.66
CA THR A 91 -25.02 43.79 -3.62
C THR A 91 -25.15 42.38 -4.19
N MET A 92 -24.68 41.41 -3.40
CA MET A 92 -24.85 39.99 -3.69
C MET A 92 -25.26 39.35 -2.39
N THR A 93 -26.15 38.37 -2.46
CA THR A 93 -26.56 37.69 -1.24
C THR A 93 -25.47 36.69 -0.84
N LEU A 94 -25.52 36.20 0.38
CA LEU A 94 -24.52 35.20 0.81
C LEU A 94 -24.63 33.91 -0.02
N ALA A 95 -25.83 33.57 -0.49
CA ALA A 95 -25.94 32.40 -1.38
C ALA A 95 -25.22 32.70 -2.71
N GLU A 96 -25.44 33.90 -3.25
CA GLU A 96 -24.79 34.29 -4.50
C GLU A 96 -23.27 34.28 -4.33
N LEU A 97 -22.81 34.77 -3.18
CA LEU A 97 -21.37 34.81 -2.93
C LEU A 97 -20.80 33.38 -2.79
N SER A 98 -21.55 32.50 -2.10
CA SER A 98 -21.11 31.12 -1.94
C SER A 98 -21.03 30.44 -3.29
N ALA A 99 -22.08 30.57 -4.10
CA ALA A 99 -22.07 29.94 -5.41
C ALA A 99 -20.94 30.50 -6.28
N ALA A 100 -20.71 31.81 -6.23
CA ALA A 100 -19.63 32.41 -7.04
C ALA A 100 -18.25 31.92 -6.59
N ALA A 101 -18.04 31.87 -5.27
CA ALA A 101 -16.75 31.40 -4.74
C ALA A 101 -16.49 29.95 -5.13
N LEU A 102 -17.50 29.12 -5.03
CA LEU A 102 -17.32 27.69 -5.29
C LEU A 102 -17.28 27.34 -6.77
N GLN A 103 -18.29 27.82 -7.51
CA GLN A 103 -18.45 27.40 -8.89
C GLN A 103 -17.61 28.16 -9.90
N TYR A 104 -17.24 29.40 -9.56
CA TYR A 104 -16.40 30.21 -10.46
C TYR A 104 -15.06 30.56 -9.82
N SER A 105 -14.90 30.21 -8.56
CA SER A 105 -13.67 30.53 -7.80
C SER A 105 -13.44 32.05 -7.69
N ASP A 106 -14.53 32.80 -7.58
CA ASP A 106 -14.45 34.26 -7.43
C ASP A 106 -13.76 34.64 -6.11
N ASN A 107 -12.65 35.38 -6.21
CA ASN A 107 -11.87 35.76 -4.99
C ASN A 107 -12.48 36.87 -4.16
N THR A 108 -13.19 37.81 -4.78
CA THR A 108 -13.89 38.82 -4.02
C THR A 108 -15.03 38.11 -3.22
N ALA A 109 -15.72 37.16 -3.86
CA ALA A 109 -16.80 36.42 -3.16
C ALA A 109 -16.21 35.70 -1.95
N MET A 110 -15.06 35.03 -2.13
CA MET A 110 -14.43 34.36 -1.00
C MET A 110 -14.16 35.36 0.14
N ASN A 111 -13.64 36.54 -0.20
CA ASN A 111 -13.37 37.54 0.85
C ASN A 111 -14.62 37.93 1.62
N LYS A 112 -15.75 37.95 0.93
CA LYS A 112 -16.99 38.29 1.64
C LYS A 112 -17.40 37.15 2.59
N LEU A 113 -17.14 35.90 2.19
CA LEU A 113 -17.45 34.77 3.06
C LEU A 113 -16.55 34.84 4.31
N ILE A 114 -15.27 35.10 4.09
CA ILE A 114 -14.31 35.20 5.19
C ILE A 114 -14.75 36.31 6.17
N ALA A 115 -15.14 37.44 5.62
CA ALA A 115 -15.57 38.58 6.47
C ALA A 115 -16.82 38.22 7.28
N GLN A 116 -17.76 37.52 6.65
CA GLN A 116 -18.98 37.10 7.32
C GLN A 116 -18.67 36.19 8.53
N LEU A 117 -17.54 35.47 8.45
CA LEU A 117 -17.12 34.56 9.51
C LEU A 117 -16.18 35.23 10.53
N GLY A 118 -15.92 36.51 10.37
CA GLY A 118 -15.07 37.27 11.32
C GLY A 118 -13.57 37.26 11.01
N GLY A 119 -13.21 36.87 9.79
CA GLY A 119 -11.81 36.84 9.40
C GLY A 119 -11.34 35.43 9.13
N PRO A 120 -10.11 35.27 8.62
CA PRO A 120 -9.61 33.92 8.35
C PRO A 120 -9.73 32.95 9.55
N GLY A 121 -9.50 33.48 10.77
CA GLY A 121 -9.59 32.65 11.98
C GLY A 121 -10.98 32.08 12.23
N GLY A 122 -12.00 32.73 11.68
CA GLY A 122 -13.38 32.24 11.78
C GLY A 122 -13.55 30.97 10.95
N VAL A 123 -12.85 30.89 9.83
CA VAL A 123 -12.92 29.71 9.00
C VAL A 123 -12.21 28.56 9.72
N THR A 124 -11.05 28.86 10.30
CA THR A 124 -10.30 27.87 11.08
C THR A 124 -11.15 27.38 12.25
N ALA A 125 -11.84 28.31 12.91
CA ALA A 125 -12.69 27.93 14.04
C ALA A 125 -13.78 26.94 13.62
N PHE A 126 -14.36 27.15 12.45
CA PHE A 126 -15.37 26.21 11.98
C PHE A 126 -14.71 24.83 11.71
N ALA A 127 -13.53 24.83 11.11
CA ALA A 127 -12.83 23.58 10.88
C ALA A 127 -12.64 22.79 12.18
N ARG A 128 -12.24 23.51 13.23
CA ARG A 128 -12.05 22.86 14.51
C ARG A 128 -13.35 22.30 15.04
N ALA A 129 -14.44 23.02 14.83
CA ALA A 129 -15.74 22.60 15.34
C ALA A 129 -16.21 21.31 14.72
N ILE A 130 -15.75 21.03 13.51
CA ILE A 130 -16.14 19.80 12.83
C ILE A 130 -15.07 18.72 12.88
N GLY A 131 -14.12 18.89 13.79
CA GLY A 131 -13.10 17.86 14.04
C GLY A 131 -11.84 17.92 13.21
N ASP A 132 -11.66 18.99 12.44
CA ASP A 132 -10.45 19.16 11.63
C ASP A 132 -9.46 20.00 12.43
N GLU A 133 -8.42 19.34 12.96
CA GLU A 133 -7.41 20.01 13.79
C GLU A 133 -6.20 20.47 12.98
N THR A 134 -6.27 20.28 11.67
CA THR A 134 -5.14 20.52 10.79
C THR A 134 -5.27 21.76 9.93
N PHE A 135 -6.43 21.93 9.33
CA PHE A 135 -6.72 23.08 8.49
C PHE A 135 -6.37 24.39 9.19
N ARG A 136 -5.81 25.33 8.44
CA ARG A 136 -5.63 26.69 8.96
C ARG A 136 -5.74 27.70 7.85
N LEU A 137 -6.60 28.69 8.05
CA LEU A 137 -6.70 29.84 7.15
C LEU A 137 -6.15 31.03 7.94
N ASP A 138 -5.19 31.73 7.34
CA ASP A 138 -4.50 32.83 8.01
C ASP A 138 -4.65 34.18 7.30
N ARG A 139 -4.93 34.14 6.01
CA ARG A 139 -5.02 35.36 5.21
C ARG A 139 -6.25 35.38 4.31
N THR A 140 -6.52 36.55 3.74
CA THR A 140 -7.61 36.72 2.80
C THR A 140 -7.08 36.54 1.35
N GLU A 141 -7.97 36.70 0.37
CA GLU A 141 -7.58 36.70 -1.03
C GLU A 141 -7.00 38.08 -1.38
N PRO A 142 -5.94 38.13 -2.18
CA PRO A 142 -5.29 37.05 -2.87
C PRO A 142 -4.07 36.49 -2.16
N THR A 143 -3.64 37.09 -1.04
CA THR A 143 -2.39 36.64 -0.41
C THR A 143 -2.40 35.22 0.15
N LEU A 144 -3.57 34.64 0.41
CA LEU A 144 -3.60 33.26 0.89
C LEU A 144 -3.08 32.25 -0.16
N ASN A 145 -2.79 32.74 -1.39
CA ASN A 145 -2.27 31.88 -2.46
C ASN A 145 -0.77 32.01 -2.73
N THR A 146 -0.03 32.66 -1.83
CA THR A 146 1.42 32.81 -2.05
C THR A 146 2.12 31.46 -2.14
N ALA A 147 1.61 30.46 -1.40
CA ALA A 147 2.11 29.06 -1.51
C ALA A 147 3.60 28.89 -1.36
N ILE A 148 4.22 29.65 -0.46
CA ILE A 148 5.67 29.59 -0.27
C ILE A 148 6.09 28.27 0.38
N PRO A 149 7.07 27.58 -0.21
CA PRO A 149 7.45 26.32 0.44
C PRO A 149 7.86 26.54 1.90
N GLY A 150 7.41 25.65 2.77
CA GLY A 150 7.76 25.73 4.19
C GLY A 150 6.87 26.64 5.03
N ASP A 151 6.06 27.46 4.36
CA ASP A 151 5.15 28.38 5.04
C ASP A 151 3.89 27.63 5.51
N PRO A 152 3.60 27.67 6.82
CA PRO A 152 2.43 26.94 7.32
C PRO A 152 1.11 27.68 7.08
N ARG A 153 1.17 28.95 6.74
CA ARG A 153 -0.06 29.71 6.56
C ARG A 153 -0.93 29.14 5.45
N ASP A 154 -2.23 29.08 5.70
CA ASP A 154 -3.18 28.67 4.68
C ASP A 154 -2.88 27.32 4.09
N THR A 155 -2.58 26.37 4.96
CA THR A 155 -2.28 25.01 4.53
C THR A 155 -3.15 23.99 5.24
N THR A 156 -3.13 22.77 4.71
CA THR A 156 -3.68 21.62 5.38
C THR A 156 -2.95 20.38 4.84
N THR A 157 -3.36 19.20 5.29
CA THR A 157 -2.77 17.96 4.77
C THR A 157 -3.81 17.24 3.95
N PRO A 158 -3.37 16.41 2.99
CA PRO A 158 -4.37 15.66 2.21
C PRO A 158 -5.29 14.80 3.09
N ARG A 159 -4.73 14.14 4.10
CA ARG A 159 -5.56 13.31 5.00
C ARG A 159 -6.66 14.14 5.67
N ALA A 160 -6.28 15.29 6.21
CA ALA A 160 -7.25 16.12 6.90
C ALA A 160 -8.34 16.63 5.97
N MET A 161 -7.95 17.08 4.78
CA MET A 161 -8.93 17.63 3.85
C MET A 161 -9.90 16.58 3.32
N ALA A 162 -9.39 15.36 3.08
CA ALA A 162 -10.28 14.30 2.61
C ALA A 162 -11.30 13.94 3.70
N GLN A 163 -10.85 13.85 4.94
CA GLN A 163 -11.75 13.53 6.05
CA GLN A 163 -11.75 13.52 6.04
C GLN A 163 -12.82 14.63 6.18
N THR A 164 -12.39 15.88 6.12
CA THR A 164 -13.31 17.00 6.21
C THR A 164 -14.30 17.04 5.06
N LEU A 165 -13.82 16.88 3.83
CA LEU A 165 -14.73 16.88 2.70
C LEU A 165 -15.76 15.75 2.81
N ARG A 166 -15.35 14.60 3.34
CA ARG A 166 -16.29 13.50 3.52
C ARG A 166 -17.35 13.88 4.54
N GLN A 167 -16.92 14.41 5.68
CA GLN A 167 -17.89 14.82 6.70
C GLN A 167 -18.88 15.88 6.18
N LEU A 168 -18.39 16.81 5.37
CA LEU A 168 -19.23 17.90 4.84
C LEU A 168 -20.23 17.45 3.80
N THR A 169 -19.79 16.59 2.89
CA THR A 169 -20.61 16.21 1.72
C THR A 169 -21.39 14.92 1.86
N LEU A 170 -20.87 13.97 2.66
CA LEU A 170 -21.52 12.67 2.81
C LEU A 170 -21.95 12.38 4.24
N GLY A 171 -21.32 13.08 5.19
CA GLY A 171 -21.59 12.90 6.61
C GLY A 171 -22.54 13.92 7.20
N HIS A 172 -22.42 14.14 8.49
CA HIS A 172 -23.34 15.02 9.20
C HIS A 172 -22.73 16.27 9.83
N ALA A 173 -21.68 16.79 9.21
CA ALA A 173 -21.09 18.04 9.70
C ALA A 173 -22.06 19.22 9.51
N LEU A 174 -22.89 19.12 8.47
CA LEU A 174 -23.91 20.11 8.18
C LEU A 174 -25.31 19.46 8.27
N GLY A 175 -26.33 20.29 8.42
CA GLY A 175 -27.70 19.79 8.39
C GLY A 175 -27.97 19.22 7.00
N GLU A 176 -28.98 18.37 6.89
CA GLU A 176 -29.30 17.71 5.63
C GLU A 176 -29.47 18.69 4.46
N THR A 177 -30.25 19.72 4.67
CA THR A 177 -30.53 20.72 3.66
CA THR A 177 -30.52 20.68 3.62
C THR A 177 -29.25 21.42 3.21
N GLN A 178 -28.40 21.75 4.19
CA GLN A 178 -27.16 22.45 3.91
C GLN A 178 -26.15 21.54 3.18
N ARG A 179 -26.12 20.26 3.57
CA ARG A 179 -25.25 19.29 2.90
C ARG A 179 -25.65 19.17 1.43
N ALA A 180 -26.96 19.08 1.19
CA ALA A 180 -27.47 18.99 -0.16
C ALA A 180 -27.09 20.23 -0.98
N GLN A 181 -27.17 21.40 -0.36
CA GLN A 181 -26.83 22.63 -1.04
C GLN A 181 -25.34 22.65 -1.41
N LEU A 182 -24.50 22.20 -0.50
CA LEU A 182 -23.07 22.18 -0.76
C LEU A 182 -22.75 21.23 -1.91
N VAL A 183 -23.37 20.05 -1.90
CA VAL A 183 -23.15 19.07 -2.96
C VAL A 183 -23.63 19.62 -4.31
N THR A 184 -24.78 20.28 -4.30
CA THR A 184 -25.30 20.88 -5.51
C THR A 184 -24.32 21.90 -6.07
N TRP A 185 -23.76 22.73 -5.19
CA TRP A 185 -22.82 23.73 -5.63
C TRP A 185 -21.56 23.06 -6.24
N LEU A 186 -21.00 22.08 -5.53
CA LEU A 186 -19.80 21.39 -6.01
CA LEU A 186 -19.80 21.38 -6.00
C LEU A 186 -20.02 20.69 -7.34
N LYS A 187 -21.19 20.04 -7.49
CA LYS A 187 -21.48 19.33 -8.75
C LYS A 187 -21.62 20.30 -9.91
N GLY A 188 -21.91 21.56 -9.60
CA GLY A 188 -22.07 22.60 -10.64
C GLY A 188 -20.79 23.40 -10.87
N ASN A 189 -19.67 22.93 -10.33
CA ASN A 189 -18.41 23.62 -10.54
C ASN A 189 -18.12 23.76 -12.02
N THR A 190 -17.59 24.91 -12.45
CA THR A 190 -17.28 25.12 -13.87
C THR A 190 -15.82 24.92 -14.26
N THR A 191 -14.98 24.77 -13.27
CA THR A 191 -13.54 24.77 -13.49
C THR A 191 -12.79 23.49 -13.38
N GLY A 192 -13.49 22.43 -13.19
CA GLY A 192 -12.73 21.20 -12.87
C GLY A 192 -12.46 20.13 -13.89
N ALA A 193 -12.89 20.34 -15.13
CA ALA A 193 -12.77 19.28 -16.14
C ALA A 193 -11.36 18.78 -16.46
N ALA A 194 -10.34 19.61 -16.22
CA ALA A 194 -8.95 19.25 -16.55
C ALA A 194 -8.20 18.62 -15.39
N SER A 195 -8.82 18.60 -14.23
CA SER A 195 -8.15 18.13 -13.02
C SER A 195 -8.53 16.70 -12.64
N ILE A 196 -9.00 16.46 -11.41
CA ILE A 196 -9.34 15.08 -11.00
C ILE A 196 -10.26 14.43 -12.04
N ARG A 197 -11.26 15.17 -12.49
CA ARG A 197 -12.26 14.65 -13.43
C ARG A 197 -11.65 14.05 -14.71
N ALA A 198 -10.56 14.65 -15.18
CA ALA A 198 -9.93 14.17 -16.42
C ALA A 198 -9.28 12.81 -16.25
N GLY A 199 -9.12 12.37 -15.00
CA GLY A 199 -8.53 11.07 -14.75
C GLY A 199 -9.54 9.99 -14.43
N LEU A 200 -10.82 10.34 -14.44
CA LEU A 200 -11.88 9.38 -14.12
C LEU A 200 -12.62 8.90 -15.35
N PRO A 201 -13.15 7.65 -15.30
CA PRO A 201 -13.98 7.18 -16.39
C PRO A 201 -15.14 8.15 -16.59
N THR A 202 -15.50 8.39 -17.84
CA THR A 202 -16.56 9.36 -18.17
CA THR A 202 -16.56 9.34 -18.19
C THR A 202 -17.90 9.07 -17.49
N SER A 203 -18.22 7.79 -17.28
CA SER A 203 -19.49 7.44 -16.67
C SER A 203 -19.65 7.92 -15.21
N TRP A 204 -18.52 8.16 -14.53
CA TRP A 204 -18.58 8.59 -13.14
C TRP A 204 -19.03 10.05 -13.05
N THR A 205 -19.64 10.40 -11.93
CA THR A 205 -20.04 11.79 -11.70
C THR A 205 -19.25 12.32 -10.50
N ALA A 206 -19.14 13.63 -10.39
CA ALA A 206 -18.36 14.20 -9.29
C ALA A 206 -18.70 15.65 -9.07
N GLY A 207 -18.28 16.16 -7.92
CA GLY A 207 -18.36 17.58 -7.61
C GLY A 207 -16.97 17.88 -7.12
N ASP A 208 -16.43 19.05 -7.43
CA ASP A 208 -15.06 19.35 -7.02
C ASP A 208 -14.84 20.84 -6.84
N LYS A 209 -13.72 21.16 -6.21
CA LYS A 209 -13.26 22.54 -6.07
C LYS A 209 -11.76 22.56 -6.35
N THR A 210 -11.36 23.34 -7.35
CA THR A 210 -9.95 23.47 -7.72
C THR A 210 -9.26 24.59 -6.94
N GLY A 211 -7.96 24.66 -7.06
CA GLY A 211 -7.21 25.75 -6.49
C GLY A 211 -5.91 25.90 -7.23
N SER A 212 -5.38 27.12 -7.28
CA SER A 212 -4.08 27.35 -7.87
C SER A 212 -3.40 28.54 -7.20
N GLY A 213 -2.08 28.60 -7.29
CA GLY A 213 -1.36 29.69 -6.69
C GLY A 213 0.04 29.77 -7.20
N ASP A 214 0.87 30.56 -6.51
CA ASP A 214 2.26 30.68 -6.91
C ASP A 214 2.94 29.31 -6.68
N TYR A 215 4.20 29.20 -7.11
CA TYR A 215 4.94 27.94 -7.08
C TYR A 215 4.20 26.85 -7.89
N GLY A 216 3.49 27.27 -8.93
CA GLY A 216 2.79 26.31 -9.80
C GLY A 216 1.89 25.41 -9.00
N THR A 217 1.35 25.94 -7.92
CA THR A 217 0.48 25.15 -7.06
C THR A 217 -0.83 24.85 -7.79
N THR A 218 -1.16 23.56 -7.87
CA THR A 218 -2.33 23.10 -8.64
C THR A 218 -3.05 22.05 -7.80
N ASN A 219 -4.28 22.36 -7.38
CA ASN A 219 -5.01 21.54 -6.44
C ASN A 219 -6.41 21.17 -6.91
N ASP A 220 -6.97 20.15 -6.31
CA ASP A 220 -8.39 19.78 -6.58
C ASP A 220 -8.83 18.85 -5.47
N ILE A 221 -10.07 19.06 -5.00
CA ILE A 221 -10.67 18.16 -4.01
C ILE A 221 -12.06 17.79 -4.52
N ALA A 222 -12.38 16.50 -4.46
CA ALA A 222 -13.62 16.03 -5.06
C ALA A 222 -14.35 14.97 -4.29
N VAL A 223 -15.65 14.95 -4.50
CA VAL A 223 -16.49 13.89 -4.02
CA VAL A 223 -16.52 13.88 -4.02
C VAL A 223 -16.96 13.21 -5.31
N ILE A 224 -16.77 11.91 -5.38
CA ILE A 224 -17.00 11.16 -6.60
C ILE A 224 -17.98 10.03 -6.46
N TRP A 225 -18.87 9.89 -7.44
CA TRP A 225 -19.83 8.79 -7.47
C TRP A 225 -19.47 7.88 -8.65
N PRO A 226 -18.67 6.84 -8.40
CA PRO A 226 -18.29 5.93 -9.47
C PRO A 226 -19.47 5.08 -9.89
N GLN A 227 -19.40 4.54 -11.09
N GLN A 227 -19.39 4.53 -11.09
CA GLN A 227 -20.46 3.70 -11.58
CA GLN A 227 -20.44 3.68 -11.61
C GLN A 227 -20.47 2.39 -10.79
C GLN A 227 -20.48 2.35 -10.85
N GLY A 228 -21.63 2.05 -10.24
CA GLY A 228 -21.82 0.79 -9.51
C GLY A 228 -21.23 0.62 -8.12
N ARG A 229 -20.84 1.72 -7.47
CA ARG A 229 -20.27 1.59 -6.12
C ARG A 229 -20.38 2.85 -5.28
N ALA A 230 -20.14 2.69 -3.98
CA ALA A 230 -20.23 3.79 -3.04
C ALA A 230 -19.29 4.93 -3.41
N PRO A 231 -19.64 6.14 -2.99
CA PRO A 231 -18.81 7.30 -3.33
C PRO A 231 -17.40 7.30 -2.75
N LEU A 232 -16.55 8.08 -3.39
CA LEU A 232 -15.18 8.28 -2.97
C LEU A 232 -14.99 9.75 -2.64
N VAL A 233 -13.99 10.05 -1.83
CA VAL A 233 -13.55 11.40 -1.59
C VAL A 233 -12.08 11.39 -1.97
N LEU A 234 -11.68 12.34 -2.81
CA LEU A 234 -10.30 12.38 -3.29
C LEU A 234 -9.72 13.76 -3.26
N VAL A 235 -8.52 13.88 -2.69
CA VAL A 235 -7.82 15.14 -2.64
CA VAL A 235 -7.84 15.13 -2.68
C VAL A 235 -6.50 14.97 -3.38
N THR A 236 -6.19 15.91 -4.27
CA THR A 236 -4.91 15.89 -4.99
C THR A 236 -4.31 17.29 -4.92
N TYR A 237 -3.18 17.39 -4.23
CA TYR A 237 -2.47 18.65 -4.05
C TYR A 237 -1.11 18.55 -4.76
N PHE A 238 -0.68 19.63 -5.39
CA PHE A 238 0.60 19.60 -6.10
C PHE A 238 1.25 20.98 -6.05
N THR A 239 2.54 21.01 -5.74
CA THR A 239 3.25 22.29 -5.64
C THR A 239 4.69 22.11 -6.15
N GLN A 240 5.26 23.18 -6.71
CA GLN A 240 6.55 23.09 -7.39
C GLN A 240 7.62 24.01 -6.77
N PRO A 241 8.90 23.76 -7.07
CA PRO A 241 9.97 24.49 -6.40
C PRO A 241 10.20 25.95 -6.79
N GLN A 242 9.78 26.34 -8.00
CA GLN A 242 9.99 27.73 -8.47
C GLN A 242 8.73 28.56 -8.39
N GLN A 243 8.87 29.78 -7.89
CA GLN A 243 7.72 30.66 -7.70
C GLN A 243 6.87 30.87 -8.95
N ASN A 244 7.51 30.92 -10.12
CA ASN A 244 6.79 31.18 -11.37
CA ASN A 244 6.76 31.17 -11.35
C ASN A 244 6.45 29.95 -12.18
N ALA A 245 6.47 28.79 -11.53
CA ALA A 245 6.17 27.54 -12.22
C ALA A 245 4.74 27.56 -12.84
N GLU A 246 4.60 26.86 -13.96
CA GLU A 246 3.33 26.75 -14.66
CA GLU A 246 3.32 26.77 -14.64
C GLU A 246 2.39 25.74 -13.97
N SER A 247 1.09 25.93 -14.14
CA SER A 247 0.10 25.01 -13.58
CA SER A 247 0.10 25.00 -13.58
C SER A 247 0.25 23.64 -14.20
N ARG A 248 -0.09 22.59 -13.44
CA ARG A 248 -0.01 21.20 -13.93
C ARG A 248 -1.27 20.40 -13.59
N ARG A 249 -2.41 20.81 -14.14
CA ARG A 249 -3.64 20.10 -13.88
C ARG A 249 -3.53 18.65 -14.39
N ASP A 250 -2.68 18.43 -15.40
CA ASP A 250 -2.50 17.09 -15.95
C ASP A 250 -1.94 16.14 -14.90
N VAL A 251 -1.14 16.68 -13.98
CA VAL A 251 -0.58 15.83 -12.92
C VAL A 251 -1.68 15.37 -11.98
N LEU A 252 -2.67 16.24 -11.72
CA LEU A 252 -3.80 15.86 -10.87
C LEU A 252 -4.65 14.80 -11.57
N ALA A 253 -4.87 14.97 -12.88
CA ALA A 253 -5.60 13.98 -13.67
C ALA A 253 -4.88 12.63 -13.63
N SER A 254 -3.53 12.65 -13.77
CA SER A 254 -2.76 11.42 -13.71
C SER A 254 -2.88 10.74 -12.35
N ALA A 255 -2.88 11.52 -11.28
CA ALA A 255 -3.02 10.95 -9.94
C ALA A 255 -4.39 10.32 -9.77
N ALA A 256 -5.42 11.02 -10.24
CA ALA A 256 -6.75 10.49 -10.16
C ALA A 256 -6.88 9.19 -10.96
N ARG A 257 -6.24 9.14 -12.13
CA ARG A 257 -6.28 7.95 -12.97
CA ARG A 257 -6.32 7.94 -12.95
C ARG A 257 -5.67 6.75 -12.27
N ILE A 258 -4.54 6.97 -11.62
CA ILE A 258 -3.86 5.91 -10.88
C ILE A 258 -4.78 5.40 -9.76
N ILE A 259 -5.42 6.33 -9.07
CA ILE A 259 -6.33 5.97 -8.00
C ILE A 259 -7.50 5.14 -8.53
N ALA A 260 -8.12 5.59 -9.62
CA ALA A 260 -9.28 4.88 -10.20
C ALA A 260 -8.92 3.51 -10.71
N GLU A 261 -7.75 3.39 -11.35
CA GLU A 261 -7.29 2.11 -11.88
C GLU A 261 -6.89 1.16 -10.75
N GLY A 262 -6.61 1.73 -9.58
CA GLY A 262 -6.19 0.95 -8.42
C GLY A 262 -7.33 0.43 -7.57
N LEU A 263 -8.56 0.81 -7.93
CA LEU A 263 -9.72 0.35 -7.19
C LEU A 263 -9.98 -1.11 -7.49
N THR B 2 -9.52 -38.11 22.36
CA THR B 2 -9.09 -37.78 20.96
C THR B 2 -9.64 -36.43 20.54
N SER B 3 -8.83 -35.64 19.84
CA SER B 3 -9.25 -34.32 19.36
C SER B 3 -9.03 -34.17 17.87
N ALA B 4 -9.81 -33.30 17.23
CA ALA B 4 -9.64 -33.03 15.81
C ALA B 4 -8.40 -32.17 15.62
N VAL B 5 -7.73 -32.34 14.51
CA VAL B 5 -6.52 -31.59 14.23
C VAL B 5 -6.77 -30.10 14.25
N GLN B 6 -7.93 -29.69 13.77
CA GLN B 6 -8.29 -28.29 13.75
CA GLN B 6 -8.32 -28.28 13.76
C GLN B 6 -8.36 -27.72 15.18
N GLN B 7 -8.94 -28.49 16.11
CA GLN B 7 -9.04 -28.07 17.50
C GLN B 7 -7.65 -27.80 18.08
N LYS B 8 -6.73 -28.72 17.82
CA LYS B 8 -5.38 -28.63 18.36
C LYS B 8 -4.58 -27.44 17.79
N LEU B 9 -4.71 -27.21 16.49
CA LEU B 9 -4.00 -26.10 15.88
C LEU B 9 -4.54 -24.74 16.33
N ALA B 10 -5.87 -24.65 16.45
CA ALA B 10 -6.48 -23.40 16.92
C ALA B 10 -6.01 -23.10 18.36
N ALA B 11 -5.95 -24.15 19.19
CA ALA B 11 -5.51 -23.99 20.59
C ALA B 11 -4.05 -23.56 20.63
N LEU B 12 -3.22 -24.16 19.78
CA LEU B 12 -1.82 -23.79 19.73
C LEU B 12 -1.70 -22.31 19.33
N GLU B 13 -2.41 -21.91 18.28
CA GLU B 13 -2.37 -20.53 17.86
C GLU B 13 -2.78 -19.55 18.97
N LYS B 14 -3.88 -19.85 19.65
CA LYS B 14 -4.37 -18.97 20.73
C LYS B 14 -3.30 -18.83 21.83
N SER B 15 -2.66 -19.94 22.18
CA SER B 15 -1.62 -19.93 23.20
CA SER B 15 -1.63 -19.92 23.19
C SER B 15 -0.42 -19.09 22.76
N SER B 16 -0.09 -19.17 21.48
CA SER B 16 1.06 -18.44 20.91
C SER B 16 0.87 -16.93 20.84
N GLY B 17 -0.38 -16.48 20.75
CA GLY B 17 -0.67 -15.05 20.64
C GLY B 17 -0.51 -14.49 19.23
N GLY B 18 -0.11 -15.33 18.28
CA GLY B 18 0.11 -14.86 16.92
C GLY B 18 -0.84 -15.45 15.91
N ARG B 19 -0.42 -15.45 14.64
CA ARG B 19 -1.23 -15.94 13.52
C ARG B 19 -0.48 -17.09 12.86
N LEU B 20 -1.10 -18.26 12.86
CA LEU B 20 -0.48 -19.49 12.38
C LEU B 20 -1.10 -19.94 11.08
N GLY B 21 -0.27 -20.40 10.14
CA GLY B 21 -0.73 -20.94 8.86
C GLY B 21 -0.10 -22.30 8.64
N VAL B 22 -0.93 -23.30 8.34
CA VAL B 22 -0.44 -24.65 8.13
C VAL B 22 -1.07 -25.26 6.90
N ALA B 23 -0.26 -25.99 6.12
CA ALA B 23 -0.79 -26.75 4.98
C ALA B 23 0.01 -28.02 4.85
N LEU B 24 -0.69 -29.14 4.94
CA LEU B 24 -0.11 -30.44 4.77
C LEU B 24 -0.68 -31.09 3.53
N ILE B 25 0.18 -31.80 2.79
CA ILE B 25 -0.26 -32.69 1.74
C ILE B 25 0.36 -34.04 2.05
N ASP B 26 -0.47 -35.07 2.22
CA ASP B 26 0.02 -36.40 2.44
C ASP B 26 -0.04 -37.09 1.08
N THR B 27 1.12 -37.34 0.48
CA THR B 27 1.14 -37.93 -0.87
C THR B 27 0.72 -39.40 -0.92
N ALA B 28 0.47 -40.00 0.24
CA ALA B 28 0.01 -41.40 0.27
C ALA B 28 -1.38 -41.47 -0.33
N ASP B 29 -2.17 -40.43 -0.10
CA ASP B 29 -3.57 -40.43 -0.52
C ASP B 29 -4.13 -39.04 -0.91
N ASN B 30 -3.23 -38.06 -1.00
CA ASN B 30 -3.60 -36.67 -1.38
C ASN B 30 -4.48 -35.94 -0.37
N THR B 31 -4.55 -36.46 0.85
CA THR B 31 -5.31 -35.80 1.88
C THR B 31 -4.55 -34.54 2.34
N GLN B 32 -5.27 -33.62 2.94
CA GLN B 32 -4.69 -32.36 3.38
C GLN B 32 -5.15 -31.96 4.77
N VAL B 33 -4.39 -31.05 5.35
CA VAL B 33 -4.76 -30.39 6.56
C VAL B 33 -4.44 -28.95 6.33
N LEU B 34 -5.42 -28.08 6.53
CA LEU B 34 -5.26 -26.67 6.27
C LEU B 34 -5.73 -25.86 7.45
N TYR B 35 -4.92 -24.89 7.84
CA TYR B 35 -5.26 -23.98 8.93
C TYR B 35 -4.81 -22.60 8.44
N ARG B 36 -5.78 -21.69 8.21
CA ARG B 36 -5.51 -20.41 7.55
C ARG B 36 -4.73 -20.69 6.26
N GLY B 37 -5.10 -21.77 5.58
CA GLY B 37 -4.40 -22.20 4.37
C GLY B 37 -4.45 -21.25 3.21
N ASP B 38 -5.47 -20.37 3.19
CA ASP B 38 -5.63 -19.42 2.10
C ASP B 38 -5.30 -17.98 2.46
N GLU B 39 -4.77 -17.76 3.68
CA GLU B 39 -4.32 -16.43 4.04
C GLU B 39 -2.89 -16.21 3.59
N ARG B 40 -2.55 -14.97 3.26
CA ARG B 40 -1.19 -14.65 2.88
C ARG B 40 -0.31 -14.47 4.10
N PHE B 41 0.94 -14.95 3.99
CA PHE B 41 1.94 -14.80 5.07
C PHE B 41 3.23 -14.35 4.43
N PRO B 42 4.05 -13.58 5.17
CA PRO B 42 5.37 -13.16 4.66
C PRO B 42 6.25 -14.42 4.58
N MET B 43 6.82 -14.69 3.41
CA MET B 43 7.62 -15.90 3.22
C MET B 43 8.99 -15.84 3.89
N CYS B 44 9.58 -14.65 3.91
CA CYS B 44 10.94 -14.48 4.38
C CYS B 44 11.83 -15.53 3.67
N GLY B 45 12.79 -16.12 4.38
CA GLY B 45 13.74 -17.07 3.76
C GLY B 45 13.16 -18.25 3.02
N THR B 46 11.90 -18.60 3.28
CA THR B 46 11.32 -19.74 2.57
C THR B 46 11.22 -19.46 1.06
N SER B 47 11.25 -18.17 0.68
CA SER B 47 11.24 -17.81 -0.74
C SER B 47 12.52 -18.24 -1.47
N LYS B 48 13.58 -18.54 -0.70
CA LYS B 48 14.85 -18.97 -1.29
C LYS B 48 14.69 -20.28 -2.06
N VAL B 49 13.71 -21.10 -1.67
CA VAL B 49 13.47 -22.34 -2.41
C VAL B 49 13.01 -22.03 -3.84
N MET B 50 12.11 -21.06 -3.99
CA MET B 50 11.63 -20.71 -5.33
C MET B 50 12.77 -20.14 -6.20
N ALA B 51 13.61 -19.30 -5.61
CA ALA B 51 14.73 -18.71 -6.35
C ALA B 51 15.73 -19.80 -6.82
N ALA B 52 16.12 -20.68 -5.89
CA ALA B 52 17.07 -21.75 -6.23
C ALA B 52 16.45 -22.67 -7.29
N ALA B 53 15.18 -23.00 -7.14
CA ALA B 53 14.50 -23.85 -8.13
C ALA B 53 14.45 -23.18 -9.52
N ALA B 54 14.26 -21.87 -9.55
CA ALA B 54 14.20 -21.14 -10.81
C ALA B 54 15.51 -21.23 -11.54
N VAL B 55 16.61 -21.11 -10.78
CA VAL B 55 17.94 -21.22 -11.38
C VAL B 55 18.19 -22.66 -11.86
N LEU B 56 17.72 -23.65 -11.08
CA LEU B 56 17.82 -25.03 -11.51
C LEU B 56 17.07 -25.22 -12.86
N LYS B 57 15.87 -24.63 -12.99
CA LYS B 57 15.10 -24.74 -14.23
C LYS B 57 15.90 -24.13 -15.37
N GLN B 58 16.53 -22.97 -15.11
CA GLN B 58 17.34 -22.34 -16.16
C GLN B 58 18.47 -23.26 -16.60
N SER B 59 19.07 -23.97 -15.65
CA SER B 59 20.19 -24.87 -15.95
C SER B 59 19.78 -26.09 -16.79
N GLU B 60 18.46 -26.28 -16.97
CA GLU B 60 18.00 -27.39 -17.83
C GLU B 60 18.33 -27.10 -19.29
N THR B 61 18.43 -25.81 -19.65
CA THR B 61 18.72 -25.42 -21.05
C THR B 61 20.04 -24.68 -21.18
N GLN B 62 20.47 -23.97 -20.12
CA GLN B 62 21.82 -23.35 -20.07
C GLN B 62 22.66 -24.36 -19.27
N LYS B 63 23.14 -25.39 -19.97
CA LYS B 63 23.71 -26.56 -19.35
C LYS B 63 24.89 -26.40 -18.41
N GLN B 64 25.68 -25.33 -18.57
CA GLN B 64 26.82 -25.11 -17.67
C GLN B 64 26.54 -23.98 -16.68
N LEU B 65 25.30 -23.52 -16.62
CA LEU B 65 24.94 -22.36 -15.78
C LEU B 65 25.36 -22.49 -14.31
N LEU B 66 25.15 -23.65 -13.73
CA LEU B 66 25.45 -23.80 -12.30
C LEU B 66 26.93 -23.62 -11.97
N ASN B 67 27.79 -23.77 -12.96
CA ASN B 67 29.22 -23.62 -12.70
C ASN B 67 29.76 -22.26 -13.06
N GLN B 68 28.86 -21.34 -13.40
CA GLN B 68 29.22 -19.99 -13.78
C GLN B 68 29.66 -19.18 -12.57
N PRO B 69 30.87 -18.59 -12.62
CA PRO B 69 31.36 -17.77 -11.51
C PRO B 69 30.64 -16.44 -11.44
N VAL B 70 30.31 -16.02 -10.22
CA VAL B 70 29.65 -14.78 -9.96
C VAL B 70 30.50 -13.97 -8.99
N GLU B 71 30.75 -12.71 -9.32
CA GLU B 71 31.56 -11.86 -8.47
CA GLU B 71 31.56 -11.85 -8.48
C GLU B 71 30.85 -11.45 -7.19
N ILE B 72 31.57 -11.50 -6.08
CA ILE B 72 31.03 -11.10 -4.78
C ILE B 72 31.86 -9.89 -4.36
N LYS B 73 31.21 -8.73 -4.27
CA LYS B 73 31.90 -7.49 -3.87
CA LYS B 73 31.91 -7.51 -3.87
C LYS B 73 31.61 -7.17 -2.43
N PRO B 74 32.54 -6.50 -1.76
CA PRO B 74 32.28 -6.11 -0.38
C PRO B 74 30.94 -5.34 -0.26
N ALA B 75 30.63 -4.54 -1.26
CA ALA B 75 29.38 -3.75 -1.26
C ALA B 75 28.11 -4.60 -1.37
N ASP B 76 28.28 -5.86 -1.79
CA ASP B 76 27.14 -6.78 -1.98
C ASP B 76 26.64 -7.33 -0.67
N LEU B 77 27.50 -7.34 0.35
CA LEU B 77 27.11 -7.95 1.61
C LEU B 77 25.95 -7.21 2.23
N VAL B 78 24.98 -7.97 2.74
CA VAL B 78 23.85 -7.40 3.40
C VAL B 78 23.85 -7.76 4.89
N ASN B 79 22.71 -8.17 5.45
CA ASN B 79 22.62 -8.40 6.91
C ASN B 79 23.03 -9.76 7.45
N TYR B 80 23.11 -10.77 6.59
CA TYR B 80 23.44 -12.12 7.05
C TYR B 80 24.11 -12.88 5.90
N ASN B 81 25.42 -13.01 5.98
CA ASN B 81 26.22 -13.55 4.86
C ASN B 81 27.28 -14.52 5.34
N PRO B 82 26.88 -15.59 6.04
CA PRO B 82 27.83 -16.54 6.61
C PRO B 82 28.74 -17.18 5.59
N ILE B 83 28.26 -17.35 4.35
CA ILE B 83 29.11 -17.96 3.33
C ILE B 83 29.76 -16.92 2.43
N ALA B 84 28.94 -15.99 1.95
CA ALA B 84 29.43 -14.99 1.01
C ALA B 84 30.57 -14.13 1.57
N GLU B 85 30.57 -13.88 2.87
CA GLU B 85 31.62 -13.03 3.44
C GLU B 85 33.00 -13.65 3.28
N LYS B 86 33.04 -14.97 3.14
CA LYS B 86 34.34 -15.64 2.94
C LYS B 86 34.88 -15.46 1.54
N HIS B 87 34.00 -15.06 0.59
CA HIS B 87 34.36 -14.97 -0.81
C HIS B 87 34.33 -13.59 -1.41
N VAL B 88 34.24 -12.56 -0.56
CA VAL B 88 34.24 -11.21 -1.05
CA VAL B 88 34.27 -11.18 -1.02
C VAL B 88 35.56 -10.94 -1.80
N ASN B 89 35.47 -10.11 -2.84
CA ASN B 89 36.62 -9.83 -3.72
C ASN B 89 37.06 -11.10 -4.44
N GLY B 90 36.10 -12.03 -4.56
CA GLY B 90 36.32 -13.28 -5.28
C GLY B 90 35.03 -13.67 -5.96
N THR B 91 34.89 -14.94 -6.26
CA THR B 91 33.68 -15.42 -6.94
C THR B 91 33.13 -16.67 -6.27
N MET B 92 31.86 -16.94 -6.56
CA MET B 92 31.18 -18.17 -6.16
C MET B 92 30.38 -18.61 -7.38
N THR B 93 30.17 -19.91 -7.55
CA THR B 93 29.37 -20.36 -8.69
C THR B 93 27.88 -20.29 -8.32
N LEU B 94 27.02 -20.36 -9.32
CA LEU B 94 25.59 -20.34 -9.04
C LEU B 94 25.17 -21.58 -8.22
N ALA B 95 25.88 -22.69 -8.37
CA ALA B 95 25.59 -23.86 -7.54
C ALA B 95 25.95 -23.56 -6.09
N GLU B 96 27.13 -22.97 -5.87
CA GLU B 96 27.56 -22.61 -4.52
C GLU B 96 26.63 -21.57 -3.89
N LEU B 97 26.14 -20.64 -4.72
CA LEU B 97 25.22 -19.61 -4.22
C LEU B 97 23.85 -20.23 -3.86
N SER B 98 23.41 -21.18 -4.67
CA SER B 98 22.15 -21.87 -4.41
C SER B 98 22.23 -22.66 -3.10
N ALA B 99 23.32 -23.39 -2.94
CA ALA B 99 23.52 -24.16 -1.70
C ALA B 99 23.65 -23.24 -0.49
N ALA B 100 24.35 -22.11 -0.65
CA ALA B 100 24.52 -21.19 0.47
C ALA B 100 23.17 -20.58 0.86
N ALA B 101 22.38 -20.17 -0.13
CA ALA B 101 21.06 -19.60 0.15
C ALA B 101 20.16 -20.62 0.85
N LEU B 102 20.19 -21.85 0.37
CA LEU B 102 19.31 -22.88 0.92
C LEU B 102 19.75 -23.44 2.24
N GLN B 103 21.02 -23.83 2.32
CA GLN B 103 21.49 -24.55 3.51
C GLN B 103 21.94 -23.70 4.68
N TYR B 104 22.33 -22.46 4.37
CA TYR B 104 22.79 -21.52 5.40
C TYR B 104 21.92 -20.26 5.46
N SER B 105 20.97 -20.16 4.52
CA SER B 105 20.09 -18.97 4.44
C SER B 105 20.90 -17.67 4.22
N ASP B 106 21.98 -17.78 3.46
CA ASP B 106 22.81 -16.63 3.14
C ASP B 106 22.05 -15.61 2.26
N ASN B 107 21.89 -14.39 2.77
CA ASN B 107 21.15 -13.35 2.08
C ASN B 107 21.86 -12.72 0.88
N THR B 108 23.18 -12.64 0.92
CA THR B 108 23.92 -12.15 -0.23
C THR B 108 23.76 -13.19 -1.36
N ALA B 109 23.83 -14.47 -1.01
CA ALA B 109 23.64 -15.54 -2.01
C ALA B 109 22.24 -15.44 -2.65
N MET B 110 21.20 -15.23 -1.81
CA MET B 110 19.84 -15.08 -2.35
C MET B 110 19.79 -13.90 -3.33
N ASN B 111 20.42 -12.78 -2.98
CA ASN B 111 20.42 -11.63 -3.89
C ASN B 111 21.08 -11.96 -5.24
N LYS B 112 22.12 -12.81 -5.24
CA LYS B 112 22.73 -13.20 -6.52
C LYS B 112 21.78 -14.08 -7.34
N LEU B 113 21.00 -14.93 -6.65
CA LEU B 113 20.02 -15.76 -7.37
C LEU B 113 18.97 -14.85 -7.99
N ILE B 114 18.46 -13.90 -7.21
CA ILE B 114 17.46 -12.98 -7.71
C ILE B 114 18.01 -12.20 -8.92
N ALA B 115 19.25 -11.76 -8.83
CA ALA B 115 19.84 -10.99 -9.94
C ALA B 115 19.94 -11.86 -11.20
N GLN B 116 20.35 -13.12 -11.02
CA GLN B 116 20.46 -14.04 -12.14
C GLN B 116 19.11 -14.20 -12.86
N LEU B 117 18.03 -14.10 -12.10
CA LEU B 117 16.67 -14.28 -12.63
C LEU B 117 16.08 -12.96 -13.16
N GLY B 118 16.86 -11.88 -13.10
CA GLY B 118 16.43 -10.58 -13.61
C GLY B 118 15.64 -9.73 -12.63
N GLY B 119 15.72 -10.06 -11.35
CA GLY B 119 14.99 -9.30 -10.34
C GLY B 119 13.92 -10.14 -9.68
N PRO B 120 13.32 -9.62 -8.60
CA PRO B 120 12.26 -10.39 -7.90
C PRO B 120 11.16 -10.85 -8.86
N GLY B 121 10.82 -10.04 -9.87
CA GLY B 121 9.78 -10.42 -10.83
C GLY B 121 10.12 -11.69 -11.59
N GLY B 122 11.41 -11.97 -11.77
CA GLY B 122 11.85 -13.18 -12.45
C GLY B 122 11.55 -14.41 -11.61
N VAL B 123 11.63 -14.26 -10.29
CA VAL B 123 11.31 -15.36 -9.40
C VAL B 123 9.78 -15.63 -9.47
N THR B 124 9.00 -14.54 -9.50
CA THR B 124 7.55 -14.67 -9.60
C THR B 124 7.17 -15.29 -10.95
N ALA B 125 7.89 -14.90 -12.01
CA ALA B 125 7.63 -15.48 -13.34
C ALA B 125 7.85 -17.01 -13.33
N PHE B 126 8.87 -17.48 -12.63
CA PHE B 126 9.08 -18.92 -12.56
C PHE B 126 7.91 -19.58 -11.82
N ALA B 127 7.47 -18.96 -10.72
CA ALA B 127 6.32 -19.48 -10.00
C ALA B 127 5.12 -19.64 -10.93
N ARG B 128 4.85 -18.62 -11.74
CA ARG B 128 3.71 -18.72 -12.66
C ARG B 128 3.92 -19.83 -13.68
N ALA B 129 5.16 -20.03 -14.12
CA ALA B 129 5.48 -21.06 -15.11
C ALA B 129 5.18 -22.46 -14.59
N ILE B 130 5.28 -22.66 -13.28
CA ILE B 130 5.03 -23.97 -12.70
C ILE B 130 3.64 -24.08 -12.11
N GLY B 131 2.80 -23.08 -12.43
CA GLY B 131 1.38 -23.12 -12.04
C GLY B 131 1.01 -22.50 -10.71
N ASP B 132 1.95 -21.82 -10.07
CA ASP B 132 1.70 -21.15 -8.79
C ASP B 132 1.27 -19.72 -9.12
N GLU B 133 -0.04 -19.44 -8.97
CA GLU B 133 -0.61 -18.14 -9.29
CA GLU B 133 -0.60 -18.14 -9.29
C GLU B 133 -0.72 -17.24 -8.08
N THR B 134 -0.21 -17.72 -6.94
CA THR B 134 -0.32 -17.01 -5.67
C THR B 134 0.98 -16.34 -5.18
N PHE B 135 2.08 -17.09 -5.24
CA PHE B 135 3.39 -16.61 -4.86
C PHE B 135 3.73 -15.27 -5.51
N ARG B 136 4.36 -14.39 -4.75
CA ARG B 136 4.92 -13.17 -5.31
C ARG B 136 6.16 -12.74 -4.55
N LEU B 137 7.24 -12.47 -5.30
CA LEU B 137 8.45 -11.88 -4.75
C LEU B 137 8.55 -10.49 -5.34
N ASP B 138 8.68 -9.51 -4.45
CA ASP B 138 8.66 -8.12 -4.84
C ASP B 138 9.94 -7.40 -4.54
N ARG B 139 10.66 -7.86 -3.51
CA ARG B 139 11.88 -7.18 -3.07
C ARG B 139 13.07 -8.11 -2.93
N THR B 140 14.24 -7.51 -2.77
CA THR B 140 15.48 -8.23 -2.55
C THR B 140 15.73 -8.34 -1.03
N GLU B 141 16.85 -8.97 -0.66
CA GLU B 141 17.25 -9.04 0.74
C GLU B 141 17.97 -7.72 1.08
N PRO B 142 17.72 -7.17 2.28
CA PRO B 142 16.94 -7.74 3.37
C PRO B 142 15.49 -7.24 3.46
N THR B 143 15.09 -6.29 2.62
CA THR B 143 13.74 -5.72 2.76
C THR B 143 12.57 -6.68 2.51
N LEU B 144 12.82 -7.82 1.86
CA LEU B 144 11.70 -8.76 1.64
C LEU B 144 11.16 -9.37 2.95
N ASN B 145 11.89 -9.13 4.05
CA ASN B 145 11.53 -9.68 5.37
C ASN B 145 10.80 -8.71 6.32
N THR B 146 10.32 -7.58 5.81
CA THR B 146 9.66 -6.60 6.71
C THR B 146 8.39 -7.14 7.37
N ALA B 147 7.70 -8.07 6.68
CA ALA B 147 6.56 -8.78 7.27
C ALA B 147 5.49 -7.86 7.88
N ILE B 148 5.20 -6.75 7.22
CA ILE B 148 4.20 -5.83 7.71
C ILE B 148 2.80 -6.42 7.56
N PRO B 149 2.01 -6.40 8.65
CA PRO B 149 0.65 -6.95 8.56
C PRO B 149 -0.17 -6.29 7.45
N GLY B 150 -0.84 -7.11 6.64
CA GLY B 150 -1.67 -6.61 5.54
C GLY B 150 -0.95 -6.37 4.22
N ASP B 151 0.38 -6.32 4.28
CA ASP B 151 1.22 -6.06 3.08
C ASP B 151 1.33 -7.34 2.23
N PRO B 152 0.85 -7.30 0.98
CA PRO B 152 0.90 -8.50 0.13
C PRO B 152 2.29 -8.78 -0.44
N ARG B 153 3.21 -7.84 -0.32
CA ARG B 153 4.52 -8.06 -0.91
C ARG B 153 5.25 -9.24 -0.31
N ASP B 154 5.90 -10.04 -1.16
CA ASP B 154 6.72 -11.13 -0.70
C ASP B 154 5.96 -12.11 0.19
N THR B 155 4.73 -12.43 -0.24
CA THR B 155 3.90 -13.37 0.48
C THR B 155 3.41 -14.49 -0.41
N THR B 156 2.87 -15.51 0.25
CA THR B 156 2.13 -16.57 -0.42
C THR B 156 1.18 -17.16 0.61
N THR B 157 0.38 -18.14 0.20
CA THR B 157 -0.52 -18.82 1.13
C THR B 157 0.07 -20.20 1.45
N PRO B 158 -0.23 -20.75 2.62
CA PRO B 158 0.28 -22.08 2.92
C PRO B 158 -0.18 -23.13 1.89
N ARG B 159 -1.43 -23.04 1.45
CA ARG B 159 -1.95 -24.00 0.45
C ARG B 159 -1.11 -23.94 -0.83
N ALA B 160 -0.86 -22.74 -1.33
CA ALA B 160 -0.08 -22.59 -2.54
C ALA B 160 1.35 -23.06 -2.37
N MET B 161 1.98 -22.72 -1.25
CA MET B 161 3.38 -23.12 -1.06
CA MET B 161 3.37 -23.12 -1.04
C MET B 161 3.54 -24.63 -0.89
N ALA B 162 2.58 -25.29 -0.23
CA ALA B 162 2.66 -26.74 -0.09
C ALA B 162 2.53 -27.40 -1.47
N GLN B 163 1.60 -26.90 -2.29
CA GLN B 163 1.42 -27.46 -3.64
C GLN B 163 2.68 -27.26 -4.48
N THR B 164 3.27 -26.08 -4.39
CA THR B 164 4.48 -25.79 -5.13
C THR B 164 5.65 -26.64 -4.63
N LEU B 165 5.82 -26.75 -3.32
CA LEU B 165 6.94 -27.56 -2.81
C LEU B 165 6.78 -29.01 -3.26
N ARG B 166 5.53 -29.49 -3.28
CA ARG B 166 5.31 -30.85 -3.77
C ARG B 166 5.72 -30.96 -5.24
N GLN B 167 5.28 -30.01 -6.06
CA GLN B 167 5.62 -30.05 -7.48
C GLN B 167 7.13 -30.02 -7.71
N LEU B 168 7.83 -29.23 -6.91
CA LEU B 168 9.27 -29.07 -7.06
C LEU B 168 10.08 -30.25 -6.58
N THR B 169 9.69 -30.82 -5.46
CA THR B 169 10.47 -31.90 -4.85
C THR B 169 10.03 -33.32 -5.14
N LEU B 170 8.76 -33.50 -5.51
CA LEU B 170 8.22 -34.85 -5.73
C LEU B 170 7.56 -35.00 -7.09
N GLY B 171 7.21 -33.88 -7.69
CA GLY B 171 6.55 -33.87 -8.98
C GLY B 171 7.48 -33.56 -10.12
N HIS B 172 6.95 -32.90 -11.15
CA HIS B 172 7.70 -32.68 -12.38
C HIS B 172 7.85 -31.25 -12.85
N ALA B 173 7.86 -30.32 -11.90
CA ALA B 173 8.09 -28.92 -12.25
C ALA B 173 9.52 -28.77 -12.78
N LEU B 174 10.43 -29.59 -12.24
CA LEU B 174 11.84 -29.60 -12.65
C LEU B 174 12.19 -30.92 -13.30
N GLY B 175 13.26 -30.92 -14.07
CA GLY B 175 13.79 -32.14 -14.68
C GLY B 175 14.27 -33.06 -13.55
N GLU B 176 14.35 -34.36 -13.82
CA GLU B 176 14.74 -35.35 -12.80
CA GLU B 176 14.72 -35.31 -12.76
C GLU B 176 16.01 -34.97 -12.00
N THR B 177 17.08 -34.67 -12.72
CA THR B 177 18.37 -34.33 -12.08
C THR B 177 18.24 -33.07 -11.20
N GLN B 178 17.47 -32.09 -11.68
CA GLN B 178 17.29 -30.85 -10.96
C GLN B 178 16.43 -31.04 -9.71
N ARG B 179 15.39 -31.88 -9.82
CA ARG B 179 14.56 -32.20 -8.67
CA ARG B 179 14.56 -32.20 -8.67
C ARG B 179 15.42 -32.85 -7.60
N ALA B 180 16.24 -33.83 -8.02
CA ALA B 180 17.11 -34.53 -7.10
C ALA B 180 18.10 -33.58 -6.43
N GLN B 181 18.62 -32.63 -7.20
CA GLN B 181 19.56 -31.67 -6.64
C GLN B 181 18.89 -30.80 -5.58
N LEU B 182 17.67 -30.36 -5.88
CA LEU B 182 16.93 -29.53 -4.94
C LEU B 182 16.70 -30.29 -3.63
N VAL B 183 16.29 -31.55 -3.75
CA VAL B 183 16.03 -32.37 -2.56
C VAL B 183 17.32 -32.60 -1.77
N THR B 184 18.41 -32.87 -2.47
CA THR B 184 19.70 -33.06 -1.79
C THR B 184 20.05 -31.81 -1.00
N TRP B 185 19.86 -30.64 -1.62
CA TRP B 185 20.18 -29.38 -0.92
C TRP B 185 19.30 -29.21 0.34
N LEU B 186 17.98 -29.40 0.19
CA LEU B 186 17.06 -29.27 1.31
C LEU B 186 17.40 -30.23 2.46
N LYS B 187 17.75 -31.49 2.11
CA LYS B 187 18.09 -32.49 3.12
C LYS B 187 19.36 -32.12 3.87
N GLY B 188 20.20 -31.29 3.25
CA GLY B 188 21.46 -30.83 3.88
C GLY B 188 21.32 -29.50 4.61
N ASN B 189 20.09 -29.01 4.76
CA ASN B 189 19.89 -27.75 5.47
C ASN B 189 20.51 -27.81 6.88
N THR B 190 21.13 -26.70 7.30
CA THR B 190 21.74 -26.64 8.63
C THR B 190 20.89 -25.94 9.70
N THR B 191 19.85 -25.25 9.27
CA THR B 191 19.07 -24.40 10.17
C THR B 191 17.72 -24.89 10.68
N GLY B 192 17.38 -26.14 10.43
CA GLY B 192 16.01 -26.57 10.72
C GLY B 192 15.71 -27.46 11.90
N ALA B 193 16.71 -27.83 12.69
CA ALA B 193 16.44 -28.80 13.78
C ALA B 193 15.45 -28.37 14.86
N ALA B 194 15.23 -27.07 15.00
CA ALA B 194 14.32 -26.55 16.04
C ALA B 194 12.93 -26.27 15.52
N SER B 195 12.73 -26.42 14.22
CA SER B 195 11.44 -26.06 13.61
C SER B 195 10.56 -27.29 13.34
N ILE B 196 10.05 -27.45 12.12
CA ILE B 196 9.21 -28.61 11.85
C ILE B 196 9.85 -29.92 12.34
N ARG B 197 11.12 -30.09 12.05
CA ARG B 197 11.78 -31.34 12.40
CA ARG B 197 11.86 -31.32 12.43
C ARG B 197 11.77 -31.66 13.90
N ALA B 198 11.73 -30.64 14.76
CA ALA B 198 11.68 -30.88 16.22
C ALA B 198 10.36 -31.54 16.63
N GLY B 199 9.36 -31.48 15.76
CA GLY B 199 8.05 -32.07 16.08
C GLY B 199 7.82 -33.44 15.45
N LEU B 200 8.81 -33.96 14.75
CA LEU B 200 8.67 -35.24 14.07
C LEU B 200 9.44 -36.36 14.77
N PRO B 201 8.95 -37.60 14.64
CA PRO B 201 9.71 -38.72 15.17
C PRO B 201 11.12 -38.69 14.57
N THR B 202 12.10 -39.08 15.37
CA THR B 202 13.50 -39.04 14.94
CA THR B 202 13.50 -39.07 14.96
C THR B 202 13.80 -39.94 13.72
N SER B 203 13.10 -41.07 13.62
CA SER B 203 13.33 -42.00 12.50
C SER B 203 13.01 -41.40 11.14
N TRP B 204 12.14 -40.39 11.11
CA TRP B 204 11.75 -39.78 9.85
C TRP B 204 12.90 -38.96 9.24
N THR B 205 12.90 -38.84 7.92
CA THR B 205 13.90 -38.04 7.23
CA THR B 205 13.89 -38.02 7.26
C THR B 205 13.17 -36.84 6.61
N ALA B 206 13.88 -35.74 6.47
CA ALA B 206 13.25 -34.57 5.89
C ALA B 206 14.25 -33.60 5.32
N GLY B 207 13.75 -32.72 4.45
CA GLY B 207 14.51 -31.61 3.92
C GLY B 207 13.66 -30.38 4.18
N ASP B 208 14.27 -29.27 4.57
CA ASP B 208 13.46 -28.10 4.87
C ASP B 208 14.17 -26.80 4.59
N LYS B 209 13.39 -25.72 4.58
CA LYS B 209 13.93 -24.36 4.47
C LYS B 209 13.19 -23.47 5.46
N THR B 210 13.93 -22.91 6.41
CA THR B 210 13.36 -22.01 7.40
C THR B 210 13.28 -20.55 6.86
N GLY B 211 12.62 -19.69 7.63
CA GLY B 211 12.58 -18.29 7.33
C GLY B 211 12.29 -17.52 8.60
N SER B 212 12.74 -16.29 8.67
CA SER B 212 12.43 -15.44 9.81
C SER B 212 12.47 -13.99 9.40
N GLY B 213 11.76 -13.15 10.13
CA GLY B 213 11.73 -11.73 9.80
C GLY B 213 11.15 -10.89 10.91
N ASP B 214 10.81 -9.65 10.59
CA ASP B 214 10.20 -8.76 11.59
C ASP B 214 8.85 -9.32 12.02
N TYR B 215 8.23 -8.70 13.01
CA TYR B 215 6.96 -9.18 13.56
C TYR B 215 7.10 -10.64 14.05
N GLY B 216 8.30 -10.98 14.50
CA GLY B 216 8.56 -12.33 15.03
C GLY B 216 8.18 -13.44 14.05
N THR B 217 8.29 -13.14 12.77
CA THR B 217 7.91 -14.09 11.75
C THR B 217 8.85 -15.29 11.78
N THR B 218 8.25 -16.47 11.93
CA THR B 218 9.01 -17.69 12.06
C THR B 218 8.38 -18.74 11.16
N ASN B 219 9.10 -19.16 10.12
CA ASN B 219 8.56 -20.07 9.10
C ASN B 219 9.40 -21.29 8.84
N ASP B 220 8.79 -22.31 8.24
CA ASP B 220 9.50 -23.50 7.81
C ASP B 220 8.66 -24.23 6.78
N ILE B 221 9.30 -24.74 5.75
CA ILE B 221 8.62 -25.56 4.75
C ILE B 221 9.45 -26.81 4.55
N ALA B 222 8.78 -27.96 4.46
CA ALA B 222 9.51 -29.22 4.43
C ALA B 222 8.88 -30.31 3.61
N VAL B 223 9.75 -31.20 3.14
CA VAL B 223 9.33 -32.42 2.50
CA VAL B 223 9.35 -32.43 2.48
C VAL B 223 9.82 -33.52 3.43
N ILE B 224 8.92 -34.40 3.82
CA ILE B 224 9.18 -35.39 4.85
C ILE B 224 8.92 -36.78 4.40
N TRP B 225 9.81 -37.69 4.83
CA TRP B 225 9.65 -39.11 4.52
C TRP B 225 9.46 -39.86 5.83
N PRO B 226 8.19 -40.09 6.21
CA PRO B 226 7.94 -40.80 7.45
C PRO B 226 8.34 -42.25 7.30
N GLN B 227 8.59 -42.91 8.42
CA GLN B 227 8.95 -44.30 8.39
C GLN B 227 7.83 -45.17 7.75
N GLY B 228 8.21 -45.93 6.72
CA GLY B 228 7.28 -46.87 6.07
C GLY B 228 6.08 -46.34 5.28
N ARG B 229 6.11 -45.08 4.88
CA ARG B 229 5.00 -44.53 4.12
C ARG B 229 5.44 -43.43 3.15
N ALA B 230 4.52 -43.04 2.27
CA ALA B 230 4.78 -42.02 1.25
C ALA B 230 5.08 -40.66 1.88
N PRO B 231 5.84 -39.83 1.18
CA PRO B 231 6.24 -38.53 1.76
C PRO B 231 5.12 -37.55 1.98
N LEU B 232 5.39 -36.60 2.88
CA LEU B 232 4.48 -35.49 3.18
C LEU B 232 5.14 -34.21 2.75
N VAL B 233 4.33 -33.19 2.50
CA VAL B 233 4.83 -31.85 2.29
C VAL B 233 4.13 -31.01 3.35
N LEU B 234 4.90 -30.25 4.12
CA LEU B 234 4.32 -29.47 5.19
C LEU B 234 4.86 -28.06 5.23
N VAL B 235 3.94 -27.09 5.30
CA VAL B 235 4.28 -25.70 5.42
C VAL B 235 3.73 -25.20 6.74
N THR B 236 4.58 -24.51 7.52
CA THR B 236 4.17 -23.90 8.78
C THR B 236 4.68 -22.46 8.79
N TYR B 237 3.76 -21.51 8.76
CA TYR B 237 4.08 -20.10 8.76
C TYR B 237 3.55 -19.48 10.06
N PHE B 238 4.28 -18.54 10.62
CA PHE B 238 3.84 -17.93 11.87
C PHE B 238 4.30 -16.50 11.94
N THR B 239 3.40 -15.60 12.35
CA THR B 239 3.77 -14.19 12.47
C THR B 239 3.01 -13.59 13.64
N GLN B 240 3.57 -12.53 14.23
CA GLN B 240 3.05 -11.99 15.48
C GLN B 240 2.67 -10.50 15.40
N PRO B 241 1.92 -10.02 16.40
CA PRO B 241 1.43 -8.64 16.39
C PRO B 241 2.47 -7.53 16.57
N GLN B 242 3.53 -7.77 17.34
CA GLN B 242 4.54 -6.74 17.61
CA GLN B 242 4.53 -6.73 17.59
C GLN B 242 5.71 -6.80 16.64
N GLN B 243 6.10 -5.64 16.10
CA GLN B 243 7.21 -5.59 15.16
C GLN B 243 8.48 -6.26 15.67
N ASN B 244 8.76 -6.10 16.97
CA ASN B 244 10.00 -6.64 17.54
C ASN B 244 9.84 -7.95 18.27
N ALA B 245 8.77 -8.69 17.97
CA ALA B 245 8.53 -9.97 18.65
C ALA B 245 9.69 -10.95 18.46
N GLU B 246 9.85 -11.84 19.43
CA GLU B 246 10.90 -12.85 19.39
C GLU B 246 10.49 -14.00 18.48
N SER B 247 11.48 -14.73 17.98
CA SER B 247 11.21 -15.90 17.14
CA SER B 247 11.23 -15.90 17.14
C SER B 247 10.55 -16.97 17.98
N ARG B 248 9.70 -17.78 17.33
CA ARG B 248 8.99 -18.85 18.03
C ARG B 248 9.04 -20.17 17.23
N ARG B 249 10.26 -20.69 17.03
CA ARG B 249 10.44 -21.96 16.31
C ARG B 249 9.67 -23.10 17.00
N ASP B 250 9.49 -22.98 18.32
CA ASP B 250 8.76 -23.99 19.10
C ASP B 250 7.31 -24.14 18.62
N VAL B 251 6.73 -23.05 18.12
CA VAL B 251 5.35 -23.09 17.63
C VAL B 251 5.29 -23.95 16.35
N LEU B 252 6.31 -23.85 15.51
CA LEU B 252 6.35 -24.63 14.28
C LEU B 252 6.52 -26.10 14.65
N ALA B 253 7.40 -26.37 15.60
CA ALA B 253 7.62 -27.73 16.08
C ALA B 253 6.30 -28.31 16.63
N SER B 254 5.58 -27.50 17.42
CA SER B 254 4.30 -27.95 18.01
C SER B 254 3.27 -28.24 16.94
N ALA B 255 3.22 -27.40 15.90
CA ALA B 255 2.31 -27.63 14.79
C ALA B 255 2.66 -28.94 14.07
N ALA B 256 3.95 -29.16 13.81
CA ALA B 256 4.39 -30.39 13.16
C ALA B 256 4.03 -31.61 14.01
N ARG B 257 4.18 -31.47 15.33
CA ARG B 257 3.89 -32.58 16.26
C ARG B 257 2.41 -32.96 16.19
N ILE B 258 1.55 -31.95 16.13
CA ILE B 258 0.11 -32.19 16.00
C ILE B 258 -0.18 -32.95 14.70
N ILE B 259 0.46 -32.53 13.61
CA ILE B 259 0.27 -33.17 12.33
C ILE B 259 0.75 -34.62 12.37
N ALA B 260 1.94 -34.82 12.91
CA ALA B 260 2.53 -36.16 12.98
C ALA B 260 1.71 -37.11 13.84
N GLU B 261 1.17 -36.60 14.94
CA GLU B 261 0.38 -37.43 15.87
C GLU B 261 -1.00 -37.75 15.31
N GLY B 262 -1.44 -36.96 14.34
CA GLY B 262 -2.75 -37.17 13.73
C GLY B 262 -2.69 -37.98 12.46
N LEU B 263 -1.47 -38.27 12.01
CA LEU B 263 -1.27 -39.03 10.79
C LEU B 263 -1.87 -40.44 10.92
C1 PNK C . -7.48 30.94 -7.44
C2 PNK C . -7.95 29.78 -6.60
C3 PNK C . -1.93 33.21 -8.00
C4 PNK C . -7.63 30.67 -8.96
C5 PNK C . -7.93 28.84 -10.60
C6 PNK C . -9.04 29.83 -11.02
C7 PNK C . -1.01 33.00 -9.02
C8 PNK C . -1.30 32.13 -10.06
C9 PNK C . -8.35 27.38 -10.62
C10 PNK C . -2.51 31.45 -10.08
C11 PNK C . -3.44 31.64 -9.06
C12 PNK C . -8.55 30.71 -12.21
N1 PNK C . -7.44 29.25 -9.25
O1 PNK C . -8.17 26.77 -11.69
O2 PNK C . -8.80 26.91 -9.55
O3 PNK C . -7.09 29.03 -6.11
O4 PNK C . -9.18 29.67 -6.42
O5 PNK C . -6.31 33.44 -7.71
C16 PNK C . -3.16 32.55 -8.04
C15 PNK C . -4.14 32.75 -6.89
C14 PNK C . -5.61 32.52 -7.30
N2 PNK C . -6.08 31.29 -7.13
S1 PNK C . -9.30 30.96 -9.60
C13 PNK C . -10.35 29.14 -11.37
C1 PNK D . 16.52 -14.76 7.18
C2 PNK D . 15.64 -15.76 6.47
C3 PNK D . 15.37 -12.04 10.42
C4 PNK D . 17.15 -15.35 8.43
C5 PNK D . 16.96 -17.28 9.96
C6 PNK D . 18.47 -17.30 9.63
C7 PNK D . 15.13 -11.83 11.78
C8 PNK D . 14.75 -10.58 12.23
C9 PNK D . 16.32 -18.67 9.96
C10 PNK D . 14.59 -9.53 11.33
C11 PNK D . 14.84 -9.74 9.98
C12 PNK D . 19.28 -16.62 10.75
N1 PNK D . 16.29 -16.36 8.99
O1 PNK D . 15.85 -19.05 8.86
O2 PNK D . 16.28 -19.28 11.05
O3 PNK D . 14.40 -15.63 6.56
O4 PNK D . 16.22 -16.66 5.82
O5 PNK D . 17.60 -12.19 7.53
C16 PNK D . 15.24 -10.99 9.53
C15 PNK D . 15.47 -11.18 8.04
C14 PNK D . 16.40 -12.36 7.70
N2 PNK D . 15.79 -13.55 7.53
S1 PNK D . 18.64 -16.32 8.10
C13 PNK D . 19.00 -18.73 9.39
#